data_7N81
#
_entry.id   7N81
#
_cell.length_a   73.523
_cell.length_b   51.748
_cell.length_c   107.606
_cell.angle_alpha   90.000
_cell.angle_beta   95.380
_cell.angle_gamma   90.000
#
_symmetry.space_group_name_H-M   'P 1 21 1'
#
loop_
_entity.id
_entity.type
_entity.pdbx_description
1 polymer 'Phosphatidylinositol 5-phosphate 4-kinase type-2 beta'
2 non-polymer (7R)-8-cyclopentyl-7-(cyclopentylmethyl)-2-[(3,5-dichloro-4-hydroxyphenyl)amino]-5-methyl-7,8-dihydropteridin-6(5H)-one
3 water water
#
_entity_poly.entity_id   1
_entity_poly.type   'polypeptide(L)'
_entity_poly.pdbx_seq_one_letter_code
;GPNCAPGKVKLFRASEPILSVLMWGVNHTINELSNVPVPVMLMPDDFKAYSKIKVDNHLFNKENLPSRFKFKEYCPMVFR
NLRERFGIDDQDYQNSVTRSAPINSDSQGRCGTRFLTTYDRRFVIKTVSSEDVAEMHNILKKYHQFIVECHGNTLLPQFL
GMYRLTVDGVETYMVVTRNVFSHRLTVHRKYDLKGSTVAREASDKEKAKDLPTFKDNDFLNEGQKLHVGEESKKNFLEKL
KRDVEFLAQLKIMDYSLLVGIHDVDRAEQEEMEVEERAEDEECENDGVGGNLLCSYGTPPDSPGNLLSFPRFFGPGEFDP
SVDVYAMKSHESSPKKEVYFMAIIDILTPYDTKKKAAHAAKTVKHGAGAEISTVNPEQYSKRFNEFMSNILT
;
_entity_poly.pdbx_strand_id   A,B
#
loop_
_chem_comp.id
_chem_comp.type
_chem_comp.name
_chem_comp.formula
HKP non-polymer (7R)-8-cyclopentyl-7-(cyclopentylmethyl)-2-[(3,5-dichloro-4-hydroxyphenyl)amino]-5-methyl-7,8-dihydropteridin-6(5H)-one 'C24 H29 Cl2 N5 O2'
#
# COMPACT_ATOMS: atom_id res chain seq x y z
N VAL A 9 2.66 -0.32 12.46
CA VAL A 9 3.39 -1.50 11.88
C VAL A 9 2.49 -2.76 11.97
N LYS A 10 1.79 -3.05 10.87
CA LYS A 10 0.73 -4.05 10.86
C LYS A 10 1.18 -5.47 10.48
N LEU A 11 1.64 -6.22 11.48
CA LEU A 11 1.78 -7.67 11.36
C LEU A 11 0.34 -8.09 11.28
N PHE A 12 -0.01 -8.92 10.33
CA PHE A 12 -1.42 -9.33 10.26
C PHE A 12 -1.59 -10.58 11.12
N ARG A 13 -1.19 -10.39 12.39
CA ARG A 13 -1.03 -11.43 13.39
C ARG A 13 -2.43 -11.91 13.78
N ALA A 14 -2.67 -13.19 13.50
CA ALA A 14 -3.99 -13.81 13.64
C ALA A 14 -3.90 -15.31 13.95
N SER A 15 -5.05 -15.89 14.28
CA SER A 15 -5.14 -17.31 14.61
C SER A 15 -5.06 -18.09 13.30
N GLU A 16 -6.18 -18.15 12.57
CA GLU A 16 -6.21 -18.78 11.25
C GLU A 16 -5.40 -17.91 10.26
N PRO A 17 -4.70 -18.55 9.29
CA PRO A 17 -4.01 -17.82 8.23
C PRO A 17 -4.94 -17.08 7.26
N ILE A 18 -6.06 -17.71 6.90
CA ILE A 18 -7.14 -17.05 6.16
C ILE A 18 -7.52 -15.69 6.76
N LEU A 19 -7.53 -15.57 8.10
CA LEU A 19 -7.80 -14.28 8.75
C LEU A 19 -6.72 -13.23 8.48
N SER A 20 -5.45 -13.64 8.49
CA SER A 20 -4.32 -12.77 8.13
C SER A 20 -4.48 -12.19 6.72
N VAL A 21 -4.76 -13.10 5.77
CA VAL A 21 -5.06 -12.78 4.40
C VAL A 21 -6.22 -11.79 4.31
N LEU A 22 -7.29 -11.99 5.09
CA LEU A 22 -8.38 -11.00 5.13
C LEU A 22 -7.89 -9.61 5.53
N MET A 23 -7.17 -9.54 6.65
CA MET A 23 -6.59 -8.26 7.14
C MET A 23 -5.70 -7.59 6.07
N TRP A 24 -4.75 -8.36 5.53
CA TRP A 24 -3.88 -7.82 4.50
C TRP A 24 -4.72 -7.37 3.29
N GLY A 25 -5.72 -8.17 2.92
CA GLY A 25 -6.56 -7.87 1.76
C GLY A 25 -7.33 -6.57 1.92
N VAL A 26 -7.94 -6.39 3.10
CA VAL A 26 -8.67 -5.16 3.41
C VAL A 26 -7.75 -3.93 3.45
N ASN A 27 -6.57 -4.10 4.04
CA ASN A 27 -5.59 -3.03 4.15
C ASN A 27 -5.18 -2.57 2.76
N HIS A 28 -4.76 -3.52 1.94
CA HIS A 28 -4.34 -3.26 0.59
C HIS A 28 -5.43 -2.57 -0.23
N THR A 29 -6.59 -3.21 -0.39
CA THR A 29 -7.65 -2.66 -1.24
C THR A 29 -8.19 -1.32 -0.79
N ILE A 30 -8.18 -1.06 0.51
CA ILE A 30 -8.53 0.27 1.06
C ILE A 30 -7.46 1.34 0.74
N ASN A 31 -6.18 1.06 1.04
CA ASN A 31 -5.04 1.90 0.55
C ASN A 31 -5.09 2.14 -0.96
N GLU A 32 -5.36 1.07 -1.70
CA GLU A 32 -5.44 1.15 -3.11
C GLU A 32 -6.55 2.11 -3.53
N LEU A 33 -7.69 2.06 -2.84
CA LEU A 33 -8.83 2.93 -3.16
C LEU A 33 -8.54 4.39 -2.84
N SER A 34 -7.69 4.65 -1.85
CA SER A 34 -7.35 6.01 -1.46
C SER A 34 -6.70 6.80 -2.61
N ASN A 35 -6.12 6.06 -3.57
CA ASN A 35 -5.54 6.69 -4.76
C ASN A 35 -6.49 6.71 -5.96
N VAL A 36 -7.72 6.19 -5.77
CA VAL A 36 -8.74 6.43 -6.78
C VAL A 36 -9.66 7.56 -6.31
N PRO A 37 -10.00 8.49 -7.23
CA PRO A 37 -10.83 9.59 -6.75
C PRO A 37 -12.31 9.21 -6.72
N VAL A 38 -13.04 9.88 -5.83
CA VAL A 38 -14.46 9.61 -5.65
C VAL A 38 -15.18 10.24 -6.83
N PRO A 39 -15.91 9.43 -7.62
CA PRO A 39 -16.67 9.99 -8.75
C PRO A 39 -17.91 10.79 -8.34
N VAL A 40 -18.48 11.56 -9.28
CA VAL A 40 -19.76 12.25 -9.05
C VAL A 40 -20.92 11.26 -8.92
N MET A 41 -20.96 10.29 -9.84
CA MET A 41 -21.79 9.11 -9.65
C MET A 41 -21.10 7.86 -10.15
N LEU A 42 -21.57 6.72 -9.64
CA LEU A 42 -21.20 5.39 -10.09
C LEU A 42 -21.74 5.09 -11.50
N MET A 43 -21.04 4.20 -12.22
CA MET A 43 -21.37 3.87 -13.61
C MET A 43 -21.75 2.40 -13.68
N PRO A 44 -22.59 1.99 -14.66
CA PRO A 44 -22.98 0.58 -14.79
C PRO A 44 -21.82 -0.41 -14.72
N ASP A 45 -20.67 0.00 -15.21
CA ASP A 45 -19.52 -0.85 -15.17
C ASP A 45 -18.83 -0.99 -13.80
N ASP A 46 -19.18 -0.14 -12.84
CA ASP A 46 -18.76 -0.35 -11.44
C ASP A 46 -19.45 -1.53 -10.75
N PHE A 47 -20.63 -1.93 -11.23
CA PHE A 47 -21.38 -3.08 -10.70
C PHE A 47 -20.97 -4.42 -11.33
N LYS A 48 -20.19 -4.35 -12.41
CA LYS A 48 -19.58 -5.54 -13.03
C LYS A 48 -18.09 -5.65 -12.67
N ALA A 49 -17.57 -4.72 -11.88
CA ALA A 49 -16.11 -4.60 -11.65
C ALA A 49 -15.56 -5.49 -10.55
N TYR A 50 -14.25 -5.72 -10.59
CA TYR A 50 -13.50 -6.23 -9.44
C TYR A 50 -12.04 -5.90 -9.55
N SER A 51 -11.30 -6.26 -8.50
CA SER A 51 -9.84 -6.23 -8.49
C SER A 51 -9.37 -7.54 -7.92
N LYS A 52 -8.49 -8.22 -8.66
CA LYS A 52 -7.89 -9.48 -8.21
C LYS A 52 -6.44 -9.21 -7.90
N ILE A 53 -5.90 -9.90 -6.92
CA ILE A 53 -4.47 -9.82 -6.64
C ILE A 53 -3.88 -11.16 -6.17
N LYS A 54 -2.91 -11.66 -6.93
CA LYS A 54 -2.18 -12.88 -6.55
C LYS A 54 -0.82 -12.54 -5.91
N VAL A 55 -0.57 -13.05 -4.72
CA VAL A 55 0.68 -12.81 -4.01
C VAL A 55 1.48 -14.12 -3.97
N ASP A 56 2.77 -14.03 -4.31
CA ASP A 56 3.64 -15.21 -4.29
C ASP A 56 5.01 -14.75 -3.85
N ASN A 57 5.07 -14.27 -2.62
CA ASN A 57 6.32 -13.97 -1.93
C ASN A 57 7.17 -15.26 -1.72
N HIS A 58 8.47 -15.08 -1.57
CA HIS A 58 9.35 -16.18 -1.27
C HIS A 58 10.37 -15.73 -0.22
N LEU A 59 10.42 -16.44 0.91
CA LEU A 59 11.37 -16.18 2.01
C LEU A 59 11.36 -14.73 2.50
N PHE A 60 10.17 -14.14 2.51
CA PHE A 60 9.96 -12.74 2.89
C PHE A 60 8.55 -12.58 3.42
N ASN A 61 8.43 -11.91 4.58
CA ASN A 61 7.13 -11.52 5.15
C ASN A 61 6.22 -12.74 5.47
N LYS A 62 6.86 -13.88 5.73
CA LYS A 62 6.15 -15.17 5.89
C LYS A 62 5.75 -15.40 7.35
N GLU A 63 6.29 -14.56 8.25
CA GLU A 63 6.03 -14.61 9.71
C GLU A 63 4.55 -14.74 10.10
N ASN A 64 3.67 -13.97 9.46
CA ASN A 64 2.23 -14.12 9.72
C ASN A 64 1.44 -14.49 8.49
N LEU A 65 1.83 -13.98 7.33
CA LEU A 65 1.08 -14.25 6.12
C LEU A 65 1.58 -15.51 5.44
N PRO A 66 0.66 -16.26 4.81
CA PRO A 66 1.13 -17.27 3.85
C PRO A 66 1.95 -16.63 2.73
N SER A 67 2.85 -17.43 2.16
CA SER A 67 3.73 -16.98 1.10
C SER A 67 3.01 -16.79 -0.19
N ARG A 68 1.94 -17.56 -0.36
CA ARG A 68 1.11 -17.45 -1.54
C ARG A 68 -0.37 -17.35 -1.15
N PHE A 69 -1.09 -16.44 -1.80
CA PHE A 69 -2.55 -16.29 -1.64
C PHE A 69 -3.15 -15.40 -2.70
N LYS A 70 -4.47 -15.57 -2.94
CA LYS A 70 -5.21 -14.60 -3.75
C LYS A 70 -6.26 -13.83 -2.93
N PHE A 71 -6.51 -12.59 -3.35
CA PHE A 71 -7.56 -11.76 -2.79
C PHE A 71 -8.26 -10.97 -3.90
N LYS A 72 -9.52 -11.34 -4.17
CA LYS A 72 -10.42 -10.57 -5.05
C LYS A 72 -11.41 -9.69 -4.24
N GLU A 73 -11.66 -8.48 -4.73
CA GLU A 73 -12.61 -7.55 -4.10
C GLU A 73 -13.73 -7.24 -5.12
N TYR A 74 -14.96 -7.65 -4.83
CA TYR A 74 -16.10 -7.41 -5.76
C TYR A 74 -16.58 -5.96 -5.72
N CYS A 75 -16.88 -5.41 -6.88
CA CYS A 75 -17.37 -4.03 -7.04
C CYS A 75 -16.81 -2.97 -6.07
N PRO A 76 -15.45 -2.81 -5.95
CA PRO A 76 -14.84 -1.88 -4.98
C PRO A 76 -15.43 -0.48 -4.95
N MET A 77 -15.78 0.05 -6.13
CA MET A 77 -16.32 1.41 -6.23
C MET A 77 -17.67 1.49 -5.56
N VAL A 78 -18.47 0.42 -5.70
CA VAL A 78 -19.82 0.43 -5.14
C VAL A 78 -19.75 0.43 -3.60
N PHE A 79 -19.07 -0.58 -3.05
CA PHE A 79 -18.87 -0.66 -1.59
C PHE A 79 -18.14 0.53 -0.92
N ARG A 80 -17.24 1.19 -1.64
CA ARG A 80 -16.77 2.50 -1.13
C ARG A 80 -17.93 3.46 -0.95
N ASN A 81 -18.82 3.56 -1.95
CA ASN A 81 -19.93 4.50 -1.92
C ASN A 81 -20.99 4.13 -0.88
N LEU A 82 -21.26 2.84 -0.74
CA LEU A 82 -22.15 2.36 0.33
C LEU A 82 -21.60 2.74 1.70
N ARG A 83 -20.34 2.39 1.99
CA ARG A 83 -19.66 2.86 3.18
C ARG A 83 -19.92 4.35 3.46
N GLU A 84 -19.64 5.21 2.47
CA GLU A 84 -19.92 6.66 2.58
C GLU A 84 -21.37 6.89 2.99
N ARG A 85 -22.30 6.22 2.30
CA ARG A 85 -23.74 6.38 2.56
C ARG A 85 -24.20 5.82 3.91
N PHE A 86 -23.57 4.74 4.38
CA PHE A 86 -23.75 4.33 5.79
C PHE A 86 -22.92 5.12 6.77
N GLY A 87 -22.17 6.09 6.25
CA GLY A 87 -21.41 7.00 7.11
C GLY A 87 -20.19 6.34 7.70
N ILE A 88 -19.62 5.39 6.97
CA ILE A 88 -18.47 4.68 7.45
C ILE A 88 -17.24 5.14 6.69
N ASP A 89 -16.32 5.63 7.51
CA ASP A 89 -15.09 6.18 7.04
C ASP A 89 -14.20 5.03 6.63
N ASP A 90 -13.59 5.17 5.47
CA ASP A 90 -12.72 4.15 4.93
C ASP A 90 -11.52 3.87 5.79
N GLN A 91 -10.88 4.91 6.35
CA GLN A 91 -9.78 4.68 7.32
C GLN A 91 -10.29 3.93 8.57
N ASP A 92 -11.52 4.22 9.01
CA ASP A 92 -12.12 3.55 10.18
C ASP A 92 -12.35 2.05 9.92
N TYR A 93 -13.05 1.75 8.84
CA TYR A 93 -13.29 0.38 8.40
C TYR A 93 -11.99 -0.40 8.27
N GLN A 94 -10.95 0.25 7.77
CA GLN A 94 -9.65 -0.35 7.61
C GLN A 94 -8.98 -0.63 8.94
N ASN A 95 -9.12 0.28 9.89
CA ASN A 95 -8.59 0.04 11.24
C ASN A 95 -9.28 -1.05 12.03
N SER A 96 -10.58 -1.22 11.83
CA SER A 96 -11.28 -2.23 12.60
C SER A 96 -10.84 -3.58 12.11
N VAL A 97 -10.63 -3.70 10.80
CA VAL A 97 -10.22 -4.98 10.22
C VAL A 97 -8.75 -5.30 10.49
N THR A 98 -7.89 -4.28 10.60
CA THR A 98 -6.45 -4.52 10.53
C THR A 98 -5.63 -4.25 11.79
N ARG A 99 -6.16 -3.50 12.75
CA ARG A 99 -5.40 -3.19 13.97
C ARG A 99 -5.17 -4.46 14.76
N SER A 100 -6.12 -5.38 14.68
CA SER A 100 -6.11 -6.61 15.47
C SER A 100 -6.94 -7.71 14.80
N ALA A 101 -6.51 -8.97 14.95
CA ALA A 101 -7.24 -10.10 14.36
C ALA A 101 -8.73 -10.02 14.67
N PRO A 102 -9.59 -10.10 13.63
CA PRO A 102 -11.01 -10.30 13.89
C PRO A 102 -11.20 -11.54 14.73
N ILE A 103 -12.29 -11.59 15.46
CA ILE A 103 -12.53 -12.63 16.45
C ILE A 103 -13.86 -13.33 16.21
N ASN A 104 -13.94 -14.59 16.64
CA ASN A 104 -15.18 -15.36 16.50
C ASN A 104 -16.27 -14.78 17.38
N SER A 105 -17.39 -14.45 16.73
CA SER A 105 -18.59 -13.99 17.41
C SER A 105 -19.57 -15.14 17.36
N ASP A 106 -20.76 -14.90 17.91
CA ASP A 106 -21.74 -15.97 18.05
C ASP A 106 -22.46 -16.29 16.74
N SER A 107 -23.60 -15.66 16.54
CA SER A 107 -24.41 -15.88 15.38
C SER A 107 -25.36 -14.73 15.27
N GLN A 108 -25.64 -14.34 14.03
CA GLN A 108 -26.63 -13.31 13.68
C GLN A 108 -27.32 -13.79 12.38
N GLY A 109 -28.13 -14.84 12.55
CA GLY A 109 -28.83 -15.50 11.47
C GLY A 109 -28.36 -16.90 11.17
N ARG A 110 -29.08 -17.58 10.27
CA ARG A 110 -28.70 -18.91 9.78
C ARG A 110 -27.73 -18.78 8.60
N CYS A 111 -27.52 -17.53 8.15
CA CYS A 111 -26.72 -17.14 6.98
C CYS A 111 -25.28 -17.74 6.93
N GLY A 112 -25.05 -18.61 5.95
CA GLY A 112 -23.74 -19.23 5.72
C GLY A 112 -23.21 -20.14 6.82
N THR A 113 -21.92 -19.97 7.14
CA THR A 113 -21.24 -20.81 8.13
C THR A 113 -20.57 -19.97 9.22
N ARG A 114 -19.24 -19.80 9.15
CA ARG A 114 -18.42 -19.06 10.14
C ARG A 114 -18.87 -17.61 10.32
N PHE A 115 -19.04 -17.21 11.59
CA PHE A 115 -19.34 -15.81 11.96
C PHE A 115 -18.20 -15.22 12.74
N LEU A 116 -17.84 -14.01 12.34
CA LEU A 116 -16.70 -13.29 12.88
C LEU A 116 -17.07 -11.85 13.13
N THR A 117 -16.29 -11.22 13.99
CA THR A 117 -16.48 -9.81 14.24
C THR A 117 -15.11 -9.15 14.28
N THR A 118 -15.01 -7.91 13.82
CA THR A 118 -13.77 -7.19 13.97
C THR A 118 -13.51 -7.10 15.48
N TYR A 119 -12.24 -7.05 15.87
CA TYR A 119 -11.82 -7.07 17.29
C TYR A 119 -12.52 -6.00 18.16
N ASP A 120 -13.14 -5.01 17.54
CA ASP A 120 -13.83 -3.95 18.25
C ASP A 120 -15.37 -4.03 18.09
N ARG A 121 -15.85 -5.20 17.70
CA ARG A 121 -17.28 -5.53 17.49
C ARG A 121 -18.08 -4.59 16.57
N ARG A 122 -17.37 -3.75 15.84
CA ARG A 122 -18.04 -2.85 14.91
C ARG A 122 -18.66 -3.49 13.66
N PHE A 123 -17.93 -4.43 13.06
CA PHE A 123 -18.36 -5.05 11.81
C PHE A 123 -18.39 -6.55 11.96
N VAL A 124 -19.30 -7.16 11.21
CA VAL A 124 -19.59 -8.59 11.23
C VAL A 124 -19.08 -9.16 9.92
N ILE A 125 -18.29 -10.23 10.01
CA ILE A 125 -17.78 -10.95 8.82
C ILE A 125 -18.35 -12.36 8.77
N LYS A 126 -19.16 -12.58 7.73
CA LYS A 126 -19.89 -13.80 7.44
C LYS A 126 -19.12 -14.50 6.34
N THR A 127 -19.11 -15.83 6.39
CA THR A 127 -18.65 -16.65 5.29
C THR A 127 -19.86 -17.08 4.56
N VAL A 128 -19.79 -17.02 3.24
CA VAL A 128 -20.96 -17.21 2.43
C VAL A 128 -20.66 -18.16 1.30
N SER A 129 -21.71 -18.71 0.73
CA SER A 129 -21.60 -19.57 -0.43
C SER A 129 -21.28 -18.74 -1.65
N SER A 130 -20.84 -19.44 -2.69
CA SER A 130 -20.74 -18.93 -4.03
C SER A 130 -22.11 -18.49 -4.56
N GLU A 131 -23.16 -19.23 -4.24
CA GLU A 131 -24.55 -18.88 -4.65
C GLU A 131 -25.02 -17.56 -4.02
N ASP A 132 -24.62 -17.33 -2.76
CA ASP A 132 -24.81 -16.05 -2.06
C ASP A 132 -24.15 -14.89 -2.83
N VAL A 133 -22.85 -15.05 -3.15
CA VAL A 133 -22.09 -14.10 -3.99
C VAL A 133 -22.81 -13.66 -5.27
N ALA A 134 -23.34 -14.64 -6.01
CA ALA A 134 -24.17 -14.39 -7.19
C ALA A 134 -25.42 -13.57 -6.90
N GLU A 135 -26.13 -13.92 -5.81
CA GLU A 135 -27.35 -13.21 -5.38
C GLU A 135 -27.06 -11.74 -5.07
N MET A 136 -25.91 -11.52 -4.42
CA MET A 136 -25.40 -10.19 -4.16
C MET A 136 -25.19 -9.39 -5.44
N HIS A 137 -24.57 -9.99 -6.44
CA HIS A 137 -24.46 -9.29 -7.70
C HIS A 137 -25.80 -9.02 -8.37
N ASN A 138 -26.69 -10.02 -8.30
CA ASN A 138 -28.04 -9.86 -8.82
C ASN A 138 -28.66 -8.62 -8.23
N ILE A 139 -28.55 -8.46 -6.92
CA ILE A 139 -29.32 -7.43 -6.26
C ILE A 139 -28.60 -6.11 -6.02
N LEU A 140 -27.30 -6.04 -6.35
CA LEU A 140 -26.46 -4.96 -5.83
C LEU A 140 -26.80 -3.56 -6.31
N LYS A 141 -27.16 -3.43 -7.59
CA LYS A 141 -27.53 -2.13 -8.16
C LYS A 141 -28.87 -1.59 -7.64
N LYS A 142 -29.85 -2.46 -7.41
CA LYS A 142 -31.17 -2.04 -6.88
C LYS A 142 -31.10 -1.82 -5.37
N TYR A 143 -30.21 -2.57 -4.71
CA TYR A 143 -29.85 -2.33 -3.31
C TYR A 143 -29.23 -0.96 -3.20
N HIS A 144 -28.20 -0.70 -4.03
CA HIS A 144 -27.50 0.58 -3.95
C HIS A 144 -28.44 1.78 -4.09
N GLN A 145 -29.27 1.73 -5.14
CA GLN A 145 -30.37 2.64 -5.34
C GLN A 145 -31.27 2.74 -4.10
N PHE A 146 -31.67 1.60 -3.53
CA PHE A 146 -32.53 1.64 -2.35
C PHE A 146 -31.87 2.40 -1.18
N ILE A 147 -30.59 2.15 -0.94
CA ILE A 147 -29.81 2.85 0.08
C ILE A 147 -29.72 4.36 -0.19
N VAL A 148 -29.55 4.73 -1.46
CA VAL A 148 -29.55 6.14 -1.88
C VAL A 148 -30.84 6.81 -1.42
N GLU A 149 -31.97 6.27 -1.84
CA GLU A 149 -33.25 6.94 -1.57
C GLU A 149 -33.71 6.90 -0.09
N CYS A 150 -33.33 5.87 0.66
CA CYS A 150 -33.63 5.84 2.10
C CYS A 150 -32.56 6.52 2.98
N HIS A 151 -31.60 7.21 2.35
CA HIS A 151 -30.52 7.93 3.03
C HIS A 151 -29.69 7.03 3.97
N GLY A 152 -29.52 5.78 3.54
CA GLY A 152 -28.83 4.76 4.33
C GLY A 152 -29.53 4.36 5.62
N ASN A 153 -30.84 4.58 5.71
CA ASN A 153 -31.62 4.25 6.91
C ASN A 153 -32.56 3.09 6.71
N THR A 154 -32.06 1.92 7.12
CA THR A 154 -32.68 0.62 6.91
C THR A 154 -32.55 -0.27 8.11
N LEU A 155 -33.38 -1.31 8.09
CA LEU A 155 -33.20 -2.44 8.94
C LEU A 155 -32.59 -3.57 8.13
N LEU A 156 -32.34 -3.34 6.84
CA LEU A 156 -31.64 -4.31 6.01
C LEU A 156 -30.19 -4.42 6.43
N PRO A 157 -29.52 -5.55 6.12
CA PRO A 157 -28.09 -5.57 6.28
C PRO A 157 -27.46 -4.36 5.60
N GLN A 158 -26.41 -3.86 6.20
CA GLN A 158 -25.72 -2.73 5.67
C GLN A 158 -24.38 -3.21 5.18
N PHE A 159 -24.39 -3.69 3.93
CA PHE A 159 -23.21 -4.30 3.28
C PHE A 159 -22.04 -3.32 3.06
N LEU A 160 -20.86 -3.74 3.47
CA LEU A 160 -19.69 -2.85 3.54
C LEU A 160 -18.53 -3.27 2.67
N GLY A 161 -18.53 -4.53 2.28
CA GLY A 161 -17.52 -5.08 1.37
C GLY A 161 -17.81 -6.53 1.13
N MET A 162 -17.20 -7.06 0.08
CA MET A 162 -17.40 -8.44 -0.33
C MET A 162 -16.16 -8.95 -0.96
N TYR A 163 -15.64 -10.07 -0.44
CA TYR A 163 -14.33 -10.53 -0.85
C TYR A 163 -14.26 -12.03 -1.14
N ARG A 164 -13.43 -12.39 -2.11
CA ARG A 164 -12.98 -13.79 -2.28
C ARG A 164 -11.50 -13.95 -1.89
N LEU A 165 -11.25 -14.79 -0.90
CA LEU A 165 -9.89 -15.09 -0.53
C LEU A 165 -9.59 -16.48 -1.02
N THR A 166 -8.39 -16.69 -1.55
CA THR A 166 -7.86 -18.04 -1.72
C THR A 166 -6.51 -18.26 -1.03
N VAL A 167 -6.53 -19.18 -0.07
CA VAL A 167 -5.34 -19.76 0.54
C VAL A 167 -5.35 -21.28 0.29
N ASP A 168 -4.19 -21.82 -0.10
CA ASP A 168 -4.01 -23.24 -0.45
C ASP A 168 -5.06 -23.77 -1.41
N GLY A 169 -5.22 -23.10 -2.55
CA GLY A 169 -6.21 -23.49 -3.55
C GLY A 169 -7.67 -23.61 -3.08
N VAL A 170 -7.98 -23.23 -1.83
CA VAL A 170 -9.38 -23.13 -1.39
C VAL A 170 -9.90 -21.69 -1.47
N GLU A 171 -11.06 -21.50 -2.09
CA GLU A 171 -11.75 -20.21 -2.10
C GLU A 171 -12.73 -20.09 -0.93
N THR A 172 -12.70 -18.94 -0.25
CA THR A 172 -13.64 -18.58 0.79
C THR A 172 -14.25 -17.27 0.34
N TYR A 173 -15.57 -17.17 0.44
CA TYR A 173 -16.29 -15.91 0.21
C TYR A 173 -16.69 -15.28 1.54
N MET A 174 -16.49 -13.98 1.67
CA MET A 174 -16.83 -13.24 2.89
C MET A 174 -17.61 -11.99 2.55
N VAL A 175 -18.53 -11.65 3.43
CA VAL A 175 -19.34 -10.45 3.29
C VAL A 175 -19.13 -9.74 4.61
N VAL A 176 -18.91 -8.42 4.55
CA VAL A 176 -18.72 -7.58 5.74
C VAL A 176 -19.90 -6.63 5.85
N THR A 177 -20.52 -6.61 7.04
CA THR A 177 -21.70 -5.78 7.30
C THR A 177 -21.52 -5.01 8.58
N ARG A 178 -22.41 -4.04 8.81
CA ARG A 178 -22.45 -3.35 10.08
C ARG A 178 -23.03 -4.30 11.09
N ASN A 179 -22.39 -4.40 12.25
CA ASN A 179 -22.94 -5.14 13.39
C ASN A 179 -24.39 -4.71 13.72
N VAL A 180 -25.26 -5.70 13.89
CA VAL A 180 -26.64 -5.43 14.29
C VAL A 180 -26.66 -5.04 15.78
N PHE A 181 -25.77 -5.67 16.53
CA PHE A 181 -25.72 -5.44 17.95
C PHE A 181 -24.68 -4.37 18.19
N SER A 182 -24.86 -3.66 19.31
CA SER A 182 -23.87 -2.76 19.87
C SER A 182 -22.44 -3.36 19.85
N HIS A 183 -21.49 -2.52 19.50
CA HIS A 183 -20.11 -2.90 19.52
C HIS A 183 -19.58 -2.74 20.94
N ARG A 184 -20.44 -2.31 21.86
CA ARG A 184 -20.03 -2.11 23.26
C ARG A 184 -20.99 -2.54 24.37
N LEU A 185 -22.28 -2.65 24.08
CA LEU A 185 -23.18 -3.33 25.02
C LEU A 185 -23.34 -4.79 24.64
N THR A 186 -23.18 -5.70 25.61
CA THR A 186 -23.33 -7.13 25.33
C THR A 186 -24.79 -7.49 25.17
N VAL A 187 -25.04 -8.49 24.34
CA VAL A 187 -26.39 -8.95 24.11
C VAL A 187 -26.61 -10.21 24.93
N HIS A 188 -27.56 -10.10 25.84
CA HIS A 188 -27.87 -11.21 26.70
C HIS A 188 -28.81 -12.23 26.04
N ARG A 189 -29.78 -11.77 25.25
CA ARG A 189 -30.73 -12.68 24.58
C ARG A 189 -30.94 -12.30 23.13
N LYS A 190 -31.08 -13.31 22.25
CA LYS A 190 -31.42 -13.10 20.85
C LYS A 190 -32.73 -13.83 20.50
N TYR A 191 -33.49 -13.30 19.56
CA TYR A 191 -34.68 -13.97 19.03
C TYR A 191 -34.70 -13.81 17.51
N ASP A 192 -35.14 -14.85 16.81
CA ASP A 192 -35.09 -14.91 15.37
C ASP A 192 -36.50 -15.28 14.90
N LEU A 193 -37.29 -14.26 14.56
CA LEU A 193 -38.73 -14.43 14.26
C LEU A 193 -38.98 -14.32 12.77
N LYS A 194 -39.39 -15.43 12.16
CA LYS A 194 -39.81 -15.48 10.76
C LYS A 194 -41.33 -15.46 10.73
N LEU A 226 -42.60 -5.78 24.81
CA LEU A 226 -41.58 -5.05 24.06
C LEU A 226 -41.95 -3.56 23.86
N HIS A 227 -41.64 -2.74 24.84
CA HIS A 227 -42.14 -1.37 24.89
C HIS A 227 -41.05 -0.34 24.62
N VAL A 228 -41.29 0.45 23.59
CA VAL A 228 -40.35 1.47 23.14
C VAL A 228 -41.04 2.81 22.98
N GLY A 229 -40.25 3.90 23.04
CA GLY A 229 -40.71 5.28 22.78
C GLY A 229 -41.48 5.42 21.49
N GLU A 230 -42.46 6.32 21.47
CA GLU A 230 -43.34 6.48 20.30
C GLU A 230 -42.58 6.95 19.06
N GLU A 231 -41.47 7.66 19.29
CA GLU A 231 -40.52 8.08 18.24
C GLU A 231 -39.81 6.87 17.61
N SER A 232 -39.23 6.02 18.46
CA SER A 232 -38.63 4.74 18.05
C SER A 232 -39.63 3.90 17.29
N LYS A 233 -40.79 3.67 17.90
CA LYS A 233 -41.88 2.88 17.33
C LYS A 233 -42.32 3.37 15.95
N LYS A 234 -42.52 4.68 15.80
CA LYS A 234 -42.93 5.29 14.50
C LYS A 234 -41.85 5.14 13.44
N ASN A 235 -40.61 5.47 13.82
CA ASN A 235 -39.46 5.34 12.95
C ASN A 235 -39.24 3.87 12.54
N PHE A 236 -39.23 2.97 13.53
CA PHE A 236 -39.02 1.53 13.28
C PHE A 236 -40.04 1.01 12.28
N LEU A 237 -41.32 1.28 12.50
CA LEU A 237 -42.36 0.90 11.51
C LEU A 237 -42.21 1.54 10.11
N GLU A 238 -41.62 2.73 10.05
CA GLU A 238 -41.38 3.41 8.77
C GLU A 238 -40.34 2.65 7.94
N LYS A 239 -39.13 2.44 8.50
CA LYS A 239 -38.11 1.57 7.88
C LYS A 239 -38.70 0.23 7.44
N LEU A 240 -39.27 -0.48 8.42
CA LEU A 240 -39.81 -1.80 8.18
C LEU A 240 -40.76 -1.85 6.99
N LYS A 241 -41.69 -0.89 6.89
CA LYS A 241 -42.58 -0.80 5.72
C LYS A 241 -41.80 -0.71 4.40
N ARG A 242 -40.85 0.23 4.27
CA ARG A 242 -40.04 0.25 3.02
C ARG A 242 -39.15 -0.97 2.81
N ASP A 243 -38.41 -1.38 3.84
CA ASP A 243 -37.39 -2.44 3.70
C ASP A 243 -38.03 -3.71 3.16
N VAL A 244 -39.17 -4.06 3.75
CA VAL A 244 -39.93 -5.24 3.41
C VAL A 244 -40.52 -5.19 1.98
N GLU A 245 -40.96 -3.99 1.59
CA GLU A 245 -41.53 -3.75 0.27
C GLU A 245 -40.47 -3.89 -0.85
N PHE A 246 -39.27 -3.36 -0.60
CA PHE A 246 -38.11 -3.50 -1.49
C PHE A 246 -37.70 -4.95 -1.63
N LEU A 247 -37.76 -5.67 -0.51
CA LEU A 247 -37.43 -7.08 -0.50
C LEU A 247 -38.46 -7.88 -1.27
N ALA A 248 -39.72 -7.44 -1.21
CA ALA A 248 -40.79 -7.93 -2.08
C ALA A 248 -40.50 -7.65 -3.57
N GLN A 249 -40.25 -6.40 -3.94
CA GLN A 249 -40.02 -6.09 -5.36
C GLN A 249 -38.75 -6.74 -5.92
N LEU A 250 -37.91 -7.23 -5.04
CA LEU A 250 -36.71 -7.96 -5.42
C LEU A 250 -36.94 -9.50 -5.39
N LYS A 251 -38.21 -9.86 -5.16
CA LYS A 251 -38.70 -11.25 -5.10
C LYS A 251 -37.93 -12.15 -4.11
N ILE A 252 -37.77 -11.65 -2.90
CA ILE A 252 -37.10 -12.36 -1.82
C ILE A 252 -38.14 -12.62 -0.71
N MET A 253 -38.11 -13.85 -0.18
CA MET A 253 -38.89 -14.28 0.98
C MET A 253 -37.94 -14.91 1.98
N ASP A 254 -38.50 -15.33 3.12
CA ASP A 254 -37.80 -16.19 4.09
C ASP A 254 -36.71 -15.52 4.93
N TYR A 255 -36.53 -14.22 4.74
CA TYR A 255 -35.73 -13.37 5.63
C TYR A 255 -36.44 -13.31 6.98
N SER A 256 -35.71 -12.94 8.03
CA SER A 256 -36.30 -12.86 9.36
C SER A 256 -35.82 -11.66 10.13
N LEU A 257 -36.51 -11.36 11.23
CA LEU A 257 -36.16 -10.28 12.10
C LEU A 257 -35.35 -10.87 13.24
N LEU A 258 -34.20 -10.26 13.49
CA LEU A 258 -33.31 -10.66 14.56
C LEU A 258 -33.53 -9.64 15.66
N VAL A 259 -33.56 -10.11 16.90
CA VAL A 259 -33.79 -9.23 18.03
C VAL A 259 -32.82 -9.61 19.12
N GLY A 260 -31.90 -8.70 19.41
CA GLY A 260 -31.05 -8.83 20.57
C GLY A 260 -31.65 -8.00 21.68
N ILE A 261 -31.41 -8.43 22.92
CA ILE A 261 -31.83 -7.67 24.07
C ILE A 261 -30.67 -7.58 25.03
N HIS A 262 -30.37 -6.32 25.37
CA HIS A 262 -29.38 -5.99 26.35
C HIS A 262 -30.14 -5.68 27.65
N ASP A 263 -29.76 -6.35 28.73
CA ASP A 263 -30.30 -6.06 30.06
C ASP A 263 -29.31 -5.22 30.86
N VAL A 264 -29.78 -4.01 31.17
CA VAL A 264 -28.97 -2.99 31.80
C VAL A 264 -28.61 -3.41 33.22
N ASP A 265 -29.64 -3.88 33.95
CA ASP A 265 -29.54 -4.26 35.36
C ASP A 265 -28.54 -5.40 35.46
N ARG A 266 -28.71 -6.38 34.57
CA ARG A 266 -27.74 -7.45 34.39
C ARG A 266 -26.32 -6.98 34.07
N ALA A 267 -26.18 -6.05 33.11
CA ALA A 267 -24.86 -5.51 32.74
C ALA A 267 -24.14 -4.84 33.94
N GLU A 268 -24.91 -4.13 34.77
CA GLU A 268 -24.44 -3.62 36.07
C GLU A 268 -23.99 -4.75 37.00
N GLN A 269 -24.85 -5.75 37.23
CA GLN A 269 -24.51 -6.88 38.13
C GLN A 269 -23.27 -7.62 37.66
N GLU A 270 -23.16 -7.77 36.33
CA GLU A 270 -22.01 -8.43 35.71
C GLU A 270 -20.80 -7.51 35.57
N GLU A 271 -20.99 -6.20 35.67
CA GLU A 271 -19.87 -5.24 35.79
C GLU A 271 -19.26 -5.37 37.19
N MET A 272 -20.12 -5.25 38.21
CA MET A 272 -19.74 -5.40 39.62
C MET A 272 -19.03 -6.73 39.90
N GLU A 273 -19.55 -7.82 39.32
CA GLU A 273 -19.04 -9.17 39.56
C GLU A 273 -17.58 -9.41 39.11
N VAL A 274 -17.14 -8.72 38.05
CA VAL A 274 -15.76 -8.88 37.53
C VAL A 274 -14.89 -7.67 37.90
N GLU A 275 -15.52 -6.65 38.50
CA GLU A 275 -14.84 -5.44 38.99
C GLU A 275 -13.72 -5.74 40.01
N GLU A 276 -14.10 -6.31 41.17
CA GLU A 276 -13.16 -6.58 42.28
C GLU A 276 -12.12 -7.69 41.97
N ARG A 277 -12.42 -8.52 40.97
CA ARG A 277 -11.54 -9.62 40.53
C ARG A 277 -10.36 -9.10 39.65
N ALA A 278 -10.20 -7.78 39.59
CA ALA A 278 -9.12 -7.10 38.86
C ALA A 278 -8.13 -6.43 39.82
N LEU A 307 -13.32 8.54 19.80
CA LEU A 307 -12.88 8.02 21.09
C LEU A 307 -11.38 7.61 21.09
N SER A 308 -10.52 8.59 21.34
CA SER A 308 -9.08 8.34 21.57
C SER A 308 -8.85 7.98 23.04
N PHE A 309 -9.47 8.76 23.93
CA PHE A 309 -9.60 8.47 25.36
C PHE A 309 -10.99 7.75 25.56
N PRO A 310 -11.28 7.14 26.74
CA PRO A 310 -12.49 6.25 26.75
C PRO A 310 -13.88 6.95 26.84
N ARG A 311 -14.73 6.84 25.81
CA ARG A 311 -16.11 7.44 25.83
C ARG A 311 -16.94 7.03 27.04
N PHE A 312 -17.74 7.95 27.56
CA PHE A 312 -18.33 7.79 28.91
C PHE A 312 -19.60 6.92 28.96
N PHE A 313 -20.73 7.44 28.46
CA PHE A 313 -22.04 6.73 28.52
C PHE A 313 -22.64 6.38 29.89
N GLY A 314 -23.91 6.73 30.08
CA GLY A 314 -24.68 6.26 31.24
C GLY A 314 -25.10 4.81 31.06
N PRO A 315 -25.92 4.29 31.99
CA PRO A 315 -26.42 2.90 31.99
C PRO A 315 -27.20 2.39 30.75
N GLY A 316 -28.34 2.97 30.40
CA GLY A 316 -29.09 2.44 29.24
C GLY A 316 -28.62 2.93 27.86
N GLU A 317 -27.35 3.30 27.76
CA GLU A 317 -26.96 4.34 26.81
C GLU A 317 -26.07 3.92 25.66
N PHE A 318 -26.33 4.49 24.49
CA PHE A 318 -25.55 4.22 23.29
C PHE A 318 -25.46 5.46 22.40
N ASP A 319 -24.62 5.39 21.36
CA ASP A 319 -24.57 6.38 20.27
C ASP A 319 -25.36 5.84 19.06
N PRO A 320 -26.54 6.44 18.74
CA PRO A 320 -27.37 5.98 17.59
C PRO A 320 -26.80 6.29 16.19
N SER A 321 -25.78 7.12 16.11
CA SER A 321 -25.04 7.24 14.86
C SER A 321 -24.17 5.97 14.64
N VAL A 322 -23.72 5.36 15.74
CA VAL A 322 -22.89 4.15 15.72
C VAL A 322 -23.72 2.87 15.78
N ASP A 323 -24.48 2.66 16.86
CA ASP A 323 -25.34 1.48 17.03
C ASP A 323 -26.70 1.74 16.40
N VAL A 324 -26.71 1.79 15.08
CA VAL A 324 -27.86 2.26 14.28
C VAL A 324 -29.16 1.41 14.34
N TYR A 325 -29.06 0.19 14.89
CA TYR A 325 -30.21 -0.70 15.01
C TYR A 325 -30.83 -0.68 16.43
N ALA A 326 -30.26 0.10 17.34
CA ALA A 326 -30.61 0.07 18.76
C ALA A 326 -31.84 0.91 19.16
N MET A 327 -32.67 0.39 20.04
CA MET A 327 -33.75 1.18 20.63
C MET A 327 -33.70 1.09 22.15
N LYS A 328 -33.90 2.23 22.83
CA LYS A 328 -34.14 2.20 24.28
C LYS A 328 -35.57 1.80 24.58
N SER A 329 -35.75 0.98 25.63
CA SER A 329 -37.08 0.69 26.17
C SER A 329 -37.70 1.97 26.69
N HIS A 330 -38.99 2.17 26.39
CA HIS A 330 -39.84 3.26 26.95
C HIS A 330 -39.56 3.51 28.45
N GLU A 331 -39.58 4.78 28.86
CA GLU A 331 -39.32 5.19 30.26
C GLU A 331 -40.33 4.59 31.27
N SER A 332 -41.62 4.66 30.91
CA SER A 332 -42.71 4.02 31.63
C SER A 332 -42.73 2.51 31.33
N SER A 333 -41.76 1.80 31.91
CA SER A 333 -41.55 0.36 31.69
C SER A 333 -40.55 -0.17 32.73
N PRO A 334 -40.81 -1.39 33.28
CA PRO A 334 -40.22 -1.88 34.56
C PRO A 334 -38.67 -1.92 34.64
N LYS A 335 -38.06 -3.01 34.16
CA LYS A 335 -36.61 -3.13 34.03
C LYS A 335 -36.18 -2.47 32.73
N LYS A 336 -35.12 -1.66 32.81
CA LYS A 336 -34.61 -0.88 31.68
C LYS A 336 -33.70 -1.72 30.78
N GLU A 337 -33.85 -1.50 29.47
CA GLU A 337 -33.29 -2.36 28.42
C GLU A 337 -32.99 -1.61 27.09
N VAL A 338 -32.00 -2.13 26.33
CA VAL A 338 -31.71 -1.74 24.93
C VAL A 338 -32.08 -2.93 24.05
N TYR A 339 -32.96 -2.68 23.08
CA TYR A 339 -33.26 -3.64 22.01
C TYR A 339 -32.47 -3.39 20.72
N PHE A 340 -32.35 -4.38 19.85
CA PHE A 340 -31.67 -4.24 18.56
C PHE A 340 -32.43 -5.10 17.64
N MET A 341 -32.98 -4.53 16.58
CA MET A 341 -33.77 -5.30 15.65
C MET A 341 -33.39 -5.01 14.21
N ALA A 342 -33.08 -6.06 13.46
CA ALA A 342 -32.66 -5.95 12.06
C ALA A 342 -33.37 -7.01 11.21
N ILE A 343 -33.53 -6.73 9.92
CA ILE A 343 -33.92 -7.75 8.95
C ILE A 343 -32.65 -8.53 8.59
N ILE A 344 -32.73 -9.86 8.70
CA ILE A 344 -31.59 -10.76 8.61
C ILE A 344 -31.86 -11.85 7.57
N ASP A 345 -30.79 -12.33 6.95
CA ASP A 345 -30.82 -13.38 5.90
C ASP A 345 -31.65 -13.01 4.66
N ILE A 346 -31.10 -12.07 3.89
CA ILE A 346 -31.67 -11.57 2.64
C ILE A 346 -31.25 -12.47 1.46
N LEU A 347 -30.17 -13.23 1.63
CA LEU A 347 -29.62 -14.13 0.61
C LEU A 347 -29.94 -15.65 0.88
N THR A 348 -29.00 -16.41 1.45
CA THR A 348 -29.20 -17.83 1.89
C THR A 348 -28.10 -18.22 2.89
N VAL A 374 -47.21 -18.65 -0.11
CA VAL A 374 -46.97 -17.21 -0.25
C VAL A 374 -45.99 -16.84 -1.39
N ASN A 375 -46.34 -15.79 -2.14
CA ASN A 375 -45.42 -15.12 -3.06
C ASN A 375 -44.74 -13.99 -2.28
N PRO A 376 -43.63 -13.43 -2.80
CA PRO A 376 -42.86 -12.47 -2.02
C PRO A 376 -43.63 -11.24 -1.55
N GLU A 377 -44.52 -10.71 -2.40
CA GLU A 377 -45.32 -9.56 -1.97
C GLU A 377 -46.29 -9.93 -0.86
N GLN A 378 -46.83 -11.16 -0.88
CA GLN A 378 -47.66 -11.67 0.24
C GLN A 378 -46.87 -11.86 1.54
N TYR A 379 -45.71 -12.52 1.45
CA TYR A 379 -44.76 -12.65 2.58
C TYR A 379 -44.36 -11.29 3.19
N SER A 380 -44.03 -10.33 2.31
CA SER A 380 -43.83 -8.92 2.68
C SER A 380 -44.91 -8.47 3.65
N LYS A 381 -46.16 -8.50 3.15
CA LYS A 381 -47.36 -8.03 3.85
C LYS A 381 -47.59 -8.71 5.20
N ARG A 382 -47.43 -10.04 5.24
CA ARG A 382 -47.58 -10.82 6.48
C ARG A 382 -46.46 -10.52 7.51
N PHE A 383 -45.24 -10.28 6.99
CA PHE A 383 -44.09 -9.86 7.81
C PHE A 383 -44.32 -8.48 8.41
N ASN A 384 -44.85 -7.57 7.61
CA ASN A 384 -45.27 -6.24 8.10
C ASN A 384 -46.31 -6.36 9.25
N GLU A 385 -47.31 -7.22 9.06
CA GLU A 385 -48.35 -7.48 10.07
C GLU A 385 -47.73 -7.95 11.39
N PHE A 386 -46.89 -9.00 11.33
CA PHE A 386 -46.37 -9.66 12.53
C PHE A 386 -45.52 -8.74 13.43
N MET A 387 -44.38 -8.27 12.91
CA MET A 387 -43.36 -7.53 13.72
C MET A 387 -43.83 -6.16 14.19
N SER A 388 -44.94 -5.70 13.60
CA SER A 388 -45.65 -4.51 14.03
C SER A 388 -46.14 -4.66 15.47
N ASN A 389 -46.79 -5.78 15.75
CA ASN A 389 -47.50 -5.97 17.02
C ASN A 389 -46.64 -6.48 18.19
N ILE A 390 -45.35 -6.74 17.93
CA ILE A 390 -44.35 -7.00 18.98
C ILE A 390 -44.13 -5.76 19.88
N LEU A 391 -44.40 -4.58 19.32
CA LEU A 391 -44.05 -3.32 19.95
C LEU A 391 -45.23 -2.54 20.53
N THR A 392 -44.97 -1.82 21.62
CA THR A 392 -45.87 -0.75 22.09
C THR A 392 -45.06 0.54 22.21
N LYS B 8 -1.75 12.75 0.12
CA LYS B 8 -3.08 12.38 -0.44
C LYS B 8 -3.10 12.37 -1.99
N VAL B 9 -3.57 11.24 -2.54
CA VAL B 9 -3.80 10.98 -3.99
C VAL B 9 -2.56 10.77 -4.91
N LYS B 10 -2.39 9.54 -5.39
CA LYS B 10 -1.35 9.19 -6.37
C LYS B 10 -2.03 8.50 -7.55
N LEU B 11 -2.29 9.27 -8.58
CA LEU B 11 -2.81 8.75 -9.83
C LEU B 11 -1.56 8.55 -10.63
N PHE B 12 -1.20 7.30 -10.88
CA PHE B 12 0.18 6.97 -11.32
C PHE B 12 0.41 7.32 -12.81
N ARG B 13 0.06 8.56 -13.18
CA ARG B 13 0.06 8.97 -14.60
C ARG B 13 1.48 9.13 -15.06
N ALA B 14 1.75 8.58 -16.25
CA ALA B 14 3.05 8.53 -16.89
C ALA B 14 2.85 8.29 -18.38
N SER B 15 3.78 8.79 -19.20
CA SER B 15 3.74 8.60 -20.66
C SER B 15 3.56 7.11 -21.05
N GLU B 16 4.33 6.23 -20.42
CA GLU B 16 4.34 4.80 -20.71
C GLU B 16 3.68 4.00 -19.59
N PRO B 17 2.91 2.92 -19.94
CA PRO B 17 2.37 2.05 -18.90
C PRO B 17 3.44 1.40 -18.01
N ILE B 18 4.54 0.96 -18.60
CA ILE B 18 5.67 0.39 -17.85
C ILE B 18 6.07 1.34 -16.71
N LEU B 19 6.14 2.64 -16.97
CA LEU B 19 6.45 3.59 -15.93
C LEU B 19 5.36 3.72 -14.85
N SER B 20 4.09 3.75 -15.26
CA SER B 20 2.96 3.72 -14.33
C SER B 20 3.14 2.55 -13.39
N VAL B 21 3.43 1.40 -13.99
CA VAL B 21 3.65 0.16 -13.26
C VAL B 21 4.84 0.21 -12.29
N LEU B 22 5.94 0.84 -12.70
CA LEU B 22 7.08 1.02 -11.80
C LEU B 22 6.68 1.87 -10.59
N MET B 23 5.98 2.97 -10.86
CA MET B 23 5.48 3.88 -9.82
C MET B 23 4.51 3.21 -8.85
N TRP B 24 3.58 2.42 -9.39
CA TRP B 24 2.65 1.66 -8.58
C TRP B 24 3.36 0.64 -7.68
N GLY B 25 4.27 -0.11 -8.28
CA GLY B 25 5.03 -1.14 -7.58
C GLY B 25 5.96 -0.61 -6.51
N VAL B 26 6.68 0.48 -6.80
CA VAL B 26 7.51 1.09 -5.75
C VAL B 26 6.61 1.53 -4.56
N ASN B 27 5.49 2.16 -4.87
CA ASN B 27 4.56 2.54 -3.84
C ASN B 27 4.10 1.30 -3.10
N HIS B 28 3.59 0.32 -3.83
CA HIS B 28 3.12 -0.90 -3.18
C HIS B 28 4.18 -1.56 -2.28
N THR B 29 5.39 -1.74 -2.81
CA THR B 29 6.39 -2.53 -2.06
C THR B 29 6.95 -1.80 -0.85
N ILE B 30 7.11 -0.48 -0.95
CA ILE B 30 7.58 0.35 0.16
C ILE B 30 6.55 0.43 1.32
N ASN B 31 5.25 0.46 0.97
CA ASN B 31 4.13 0.34 1.94
C ASN B 31 4.17 -0.99 2.70
N GLU B 32 4.17 -2.06 1.93
CA GLU B 32 4.28 -3.40 2.45
C GLU B 32 5.43 -3.49 3.46
N LEU B 33 6.63 -3.04 3.08
CA LEU B 33 7.81 -3.06 3.95
C LEU B 33 7.63 -2.30 5.26
N SER B 34 7.00 -1.13 5.22
CA SER B 34 6.68 -0.41 6.46
C SER B 34 5.93 -1.26 7.52
N ASN B 35 5.18 -2.27 7.10
CA ASN B 35 4.55 -3.25 8.02
C ASN B 35 5.41 -4.50 8.31
N VAL B 36 6.70 -4.42 8.02
CA VAL B 36 7.59 -5.50 8.41
C VAL B 36 8.76 -4.97 9.25
N PRO B 37 8.92 -5.51 10.47
CA PRO B 37 9.91 -4.91 11.41
C PRO B 37 11.31 -4.92 10.82
N VAL B 38 12.08 -3.89 11.09
CA VAL B 38 13.50 -3.88 10.75
C VAL B 38 14.22 -4.95 11.59
N PRO B 39 14.65 -6.06 10.95
CA PRO B 39 15.32 -7.08 11.75
C PRO B 39 16.69 -6.58 12.23
N VAL B 40 17.26 -7.23 13.25
CA VAL B 40 18.56 -6.80 13.82
C VAL B 40 19.72 -7.18 12.93
N MET B 41 19.48 -8.15 12.04
CA MET B 41 20.47 -8.65 11.07
C MET B 41 19.77 -9.44 9.98
N LEU B 42 20.23 -9.25 8.76
CA LEU B 42 19.75 -10.04 7.63
C LEU B 42 20.25 -11.45 7.78
N MET B 43 19.37 -12.41 7.53
CA MET B 43 19.75 -13.82 7.47
C MET B 43 20.14 -14.20 6.02
N PRO B 44 20.93 -15.28 5.85
CA PRO B 44 21.25 -15.81 4.51
C PRO B 44 20.09 -15.94 3.51
N ASP B 45 18.90 -16.25 4.01
CA ASP B 45 17.69 -16.46 3.19
C ASP B 45 17.06 -15.16 2.65
N ASP B 46 17.38 -14.03 3.29
CA ASP B 46 16.99 -12.71 2.77
C ASP B 46 17.61 -12.33 1.40
N PHE B 47 18.62 -13.08 0.99
CA PHE B 47 19.37 -12.80 -0.23
C PHE B 47 18.89 -13.66 -1.37
N LYS B 48 18.02 -14.60 -1.11
CA LYS B 48 17.43 -15.37 -2.19
C LYS B 48 15.90 -15.06 -2.24
N ALA B 49 15.51 -14.07 -1.44
CA ALA B 49 14.11 -13.67 -1.25
C ALA B 49 13.56 -12.75 -2.34
N TYR B 50 12.26 -12.88 -2.61
CA TYR B 50 11.57 -11.91 -3.48
C TYR B 50 10.10 -11.72 -3.09
N SER B 51 9.56 -10.56 -3.49
CA SER B 51 8.15 -10.19 -3.43
C SER B 51 7.63 -10.27 -4.87
N LYS B 52 6.44 -10.77 -5.06
CA LYS B 52 5.86 -10.87 -6.38
C LYS B 52 4.38 -10.60 -6.21
N ILE B 53 3.79 -10.00 -7.23
CA ILE B 53 2.41 -9.60 -7.13
C ILE B 53 1.83 -9.56 -8.52
N LYS B 54 0.63 -10.09 -8.68
CA LYS B 54 -0.06 -10.01 -9.96
C LYS B 54 -1.39 -9.37 -9.74
N VAL B 55 -1.62 -8.29 -10.47
CA VAL B 55 -2.88 -7.54 -10.43
C VAL B 55 -3.68 -7.83 -11.66
N ASP B 56 -4.94 -8.23 -11.49
CA ASP B 56 -5.85 -8.46 -12.62
C ASP B 56 -7.12 -7.73 -12.30
N ASN B 57 -7.10 -6.42 -12.51
CA ASN B 57 -8.29 -5.64 -12.35
C ASN B 57 -9.20 -5.78 -13.56
N HIS B 58 -10.50 -5.65 -13.33
CA HIS B 58 -11.48 -5.66 -14.40
C HIS B 58 -12.43 -4.49 -14.22
N LEU B 59 -12.48 -3.61 -15.21
CA LEU B 59 -13.31 -2.38 -15.17
C LEU B 59 -13.16 -1.60 -13.87
N PHE B 60 -11.97 -1.65 -13.29
CA PHE B 60 -11.64 -0.92 -12.07
C PHE B 60 -10.23 -0.35 -12.19
N ASN B 61 -10.03 0.93 -11.81
CA ASN B 61 -8.70 1.55 -11.66
C ASN B 61 -7.88 1.54 -12.94
N LYS B 62 -8.53 1.94 -14.03
CA LYS B 62 -8.05 1.67 -15.38
C LYS B 62 -7.46 2.93 -16.04
N GLU B 63 -7.74 4.09 -15.47
CA GLU B 63 -7.35 5.39 -16.04
C GLU B 63 -5.86 5.62 -16.31
N ASN B 64 -4.98 5.19 -15.39
CA ASN B 64 -3.53 5.28 -15.62
C ASN B 64 -2.89 3.91 -15.67
N LEU B 65 -3.38 3.02 -14.82
CA LEU B 65 -2.79 1.70 -14.71
C LEU B 65 -3.37 0.76 -15.74
N PRO B 66 -2.54 -0.17 -16.25
CA PRO B 66 -3.06 -1.33 -17.00
C PRO B 66 -3.99 -2.21 -16.16
N SER B 67 -4.97 -2.85 -16.78
CA SER B 67 -5.80 -3.81 -16.07
C SER B 67 -4.98 -4.92 -15.41
N ARG B 68 -4.07 -5.54 -16.17
CA ARG B 68 -3.33 -6.73 -15.75
C ARG B 68 -1.84 -6.42 -15.79
N PHE B 69 -1.13 -6.73 -14.71
CA PHE B 69 0.36 -6.57 -14.64
C PHE B 69 0.98 -7.32 -13.48
N LYS B 70 2.30 -7.48 -13.53
CA LYS B 70 3.02 -8.19 -12.47
C LYS B 70 4.17 -7.35 -11.98
N PHE B 71 4.47 -7.43 -10.69
CA PHE B 71 5.63 -6.66 -10.12
C PHE B 71 6.41 -7.50 -9.12
N LYS B 72 7.72 -7.50 -9.26
CA LYS B 72 8.58 -8.38 -8.46
C LYS B 72 9.71 -7.58 -7.88
N GLU B 73 9.97 -7.76 -6.60
CA GLU B 73 11.10 -7.05 -6.01
C GLU B 73 12.06 -8.06 -5.45
N TYR B 74 13.31 -7.94 -5.88
CA TYR B 74 14.39 -8.81 -5.44
C TYR B 74 14.94 -8.31 -4.14
N CYS B 75 15.03 -9.21 -3.16
CA CYS B 75 15.75 -8.91 -1.91
C CYS B 75 15.25 -7.67 -1.12
N PRO B 76 13.91 -7.57 -0.90
CA PRO B 76 13.33 -6.37 -0.27
C PRO B 76 14.01 -5.97 1.04
N MET B 77 14.39 -6.94 1.87
CA MET B 77 15.06 -6.63 3.15
C MET B 77 16.46 -6.06 2.94
N VAL B 78 17.26 -6.73 2.08
CA VAL B 78 18.64 -6.32 1.75
C VAL B 78 18.70 -4.90 1.23
N PHE B 79 17.86 -4.64 0.22
CA PHE B 79 17.87 -3.33 -0.41
C PHE B 79 17.34 -2.29 0.52
N ARG B 80 16.34 -2.69 1.34
CA ARG B 80 15.82 -1.79 2.35
C ARG B 80 16.94 -1.35 3.28
N ASN B 81 17.71 -2.33 3.75
CA ASN B 81 18.87 -2.08 4.56
C ASN B 81 19.89 -1.14 3.88
N LEU B 82 20.29 -1.48 2.65
CA LEU B 82 21.21 -0.65 1.84
C LEU B 82 20.75 0.79 1.75
N ARG B 83 19.46 0.98 1.42
CA ARG B 83 18.83 2.29 1.42
C ARG B 83 19.11 3.09 2.69
N GLU B 84 19.00 2.45 3.88
CA GLU B 84 19.25 3.16 5.14
C GLU B 84 20.74 3.34 5.42
N ARG B 85 21.54 2.36 5.04
CA ARG B 85 22.99 2.50 5.07
C ARG B 85 23.49 3.65 4.20
N PHE B 86 22.71 3.99 3.18
CA PHE B 86 23.05 5.11 2.30
C PHE B 86 22.37 6.38 2.78
N GLY B 87 21.64 6.27 3.89
CA GLY B 87 20.97 7.43 4.46
C GLY B 87 19.80 7.89 3.63
N ILE B 88 19.17 6.96 2.92
CA ILE B 88 17.96 7.28 2.21
C ILE B 88 16.75 6.74 2.97
N ASP B 89 15.84 7.66 3.25
CA ASP B 89 14.60 7.30 3.89
C ASP B 89 13.71 6.63 2.88
N ASP B 90 13.16 5.48 3.26
CA ASP B 90 12.18 4.77 2.42
C ASP B 90 11.05 5.69 1.98
N GLN B 91 10.57 6.53 2.90
CA GLN B 91 9.58 7.56 2.63
C GLN B 91 10.04 8.48 1.48
N ASP B 92 11.27 8.98 1.54
CA ASP B 92 11.80 9.89 0.50
C ASP B 92 11.95 9.18 -0.84
N TYR B 93 12.42 7.94 -0.78
CA TYR B 93 12.58 7.08 -1.94
C TYR B 93 11.23 6.84 -2.64
N GLN B 94 10.18 6.58 -1.87
CA GLN B 94 8.85 6.42 -2.44
C GLN B 94 8.38 7.70 -3.12
N ASN B 95 8.59 8.85 -2.48
CA ASN B 95 8.15 10.11 -3.08
C ASN B 95 8.79 10.40 -4.43
N SER B 96 10.12 10.24 -4.54
CA SER B 96 10.87 10.47 -5.79
C SER B 96 10.34 9.64 -6.94
N VAL B 97 9.93 8.41 -6.66
CA VAL B 97 9.40 7.56 -7.69
C VAL B 97 7.88 7.76 -7.92
N THR B 98 7.13 8.14 -6.88
CA THR B 98 5.67 8.10 -6.96
C THR B 98 4.99 9.45 -7.08
N ARG B 99 5.60 10.50 -6.54
CA ARG B 99 4.98 11.84 -6.55
C ARG B 99 4.65 12.23 -7.97
N SER B 100 5.62 12.10 -8.86
CA SER B 100 5.45 12.32 -10.30
C SER B 100 6.31 11.35 -11.11
N ALA B 101 5.89 11.07 -12.34
CA ALA B 101 6.56 10.12 -13.24
C ALA B 101 8.10 10.33 -13.44
N PRO B 102 8.88 9.22 -13.44
CA PRO B 102 10.30 9.34 -13.79
C PRO B 102 10.42 9.77 -15.23
N ILE B 103 11.54 10.36 -15.57
CA ILE B 103 11.68 10.97 -16.88
C ILE B 103 12.90 10.42 -17.60
N ASN B 104 12.97 10.71 -18.91
CA ASN B 104 14.14 10.44 -19.77
C ASN B 104 15.35 11.29 -19.37
N SER B 105 16.51 10.93 -19.88
CA SER B 105 17.71 11.56 -19.43
C SER B 105 18.41 12.46 -20.46
N ASP B 106 19.46 13.14 -20.00
CA ASP B 106 20.47 13.79 -20.85
C ASP B 106 21.16 12.72 -21.71
N SER B 107 21.45 11.56 -21.11
CA SER B 107 21.75 10.28 -21.81
C SER B 107 23.18 10.03 -22.30
N GLN B 108 23.64 8.80 -22.05
CA GLN B 108 24.93 8.29 -22.51
C GLN B 108 25.01 6.79 -22.29
N GLY B 109 26.03 6.19 -22.89
CA GLY B 109 26.37 4.78 -22.71
C GLY B 109 27.67 4.54 -23.44
N ARG B 110 27.82 3.35 -24.02
CA ARG B 110 28.91 3.00 -24.96
C ARG B 110 28.31 2.61 -26.32
N CYS B 111 27.13 2.01 -26.26
CA CYS B 111 26.25 1.88 -27.41
C CYS B 111 25.12 2.95 -27.34
N GLY B 112 25.32 3.94 -26.46
CA GLY B 112 24.38 5.04 -26.24
C GLY B 112 23.15 4.63 -25.42
N THR B 113 23.39 4.17 -24.19
CA THR B 113 22.37 3.58 -23.29
C THR B 113 21.25 4.54 -22.87
N ARG B 114 20.01 4.02 -22.80
CA ARG B 114 18.81 4.80 -22.44
C ARG B 114 18.34 4.60 -20.99
N PHE B 115 18.42 5.65 -20.17
CA PHE B 115 18.00 5.54 -18.78
C PHE B 115 17.02 6.60 -18.30
N LEU B 116 16.38 6.35 -17.17
CA LEU B 116 15.47 7.29 -16.56
C LEU B 116 16.09 7.92 -15.35
N THR B 117 15.51 9.07 -14.99
CA THR B 117 15.76 9.70 -13.72
C THR B 117 14.42 9.92 -12.95
N THR B 118 14.40 9.80 -11.62
CA THR B 118 13.19 10.20 -10.85
C THR B 118 12.94 11.68 -11.11
N TYR B 119 11.67 12.08 -11.20
CA TYR B 119 11.27 13.45 -11.64
C TYR B 119 12.08 14.55 -11.00
N ASP B 120 12.58 14.32 -9.79
CA ASP B 120 13.39 15.25 -9.03
C ASP B 120 14.91 15.07 -9.22
N ARG B 121 15.29 14.31 -10.26
CA ARG B 121 16.70 14.06 -10.64
C ARG B 121 17.58 13.48 -9.52
N ARG B 122 16.96 12.94 -8.49
CA ARG B 122 17.70 12.44 -7.35
C ARG B 122 18.18 11.00 -7.52
N PHE B 123 17.45 10.19 -8.30
CA PHE B 123 17.75 8.77 -8.52
C PHE B 123 17.70 8.38 -9.98
N VAL B 124 18.55 7.42 -10.33
CA VAL B 124 18.63 6.90 -11.69
C VAL B 124 18.01 5.50 -11.78
N ILE B 125 17.10 5.34 -12.74
CA ILE B 125 16.53 4.02 -13.08
C ILE B 125 17.03 3.59 -14.46
N LYS B 126 17.49 2.35 -14.57
CA LYS B 126 18.09 1.85 -15.81
C LYS B 126 17.52 0.51 -16.13
N THR B 127 16.86 0.37 -17.28
CA THR B 127 16.45 -0.94 -17.78
C THR B 127 17.69 -1.82 -17.88
N VAL B 128 17.57 -3.05 -17.41
CA VAL B 128 18.68 -4.01 -17.44
C VAL B 128 18.24 -5.36 -18.05
N SER B 129 19.20 -6.27 -18.23
CA SER B 129 18.94 -7.59 -18.81
C SER B 129 18.78 -8.67 -17.74
N SER B 130 18.21 -9.80 -18.17
CA SER B 130 18.04 -10.95 -17.31
C SER B 130 19.35 -11.40 -16.64
N GLU B 131 20.46 -11.17 -17.36
CA GLU B 131 21.79 -11.62 -16.97
C GLU B 131 22.45 -10.68 -15.98
N ASP B 132 22.08 -9.40 -16.09
CA ASP B 132 22.51 -8.35 -15.17
C ASP B 132 21.93 -8.56 -13.75
N VAL B 133 20.65 -8.94 -13.72
CA VAL B 133 19.95 -9.31 -12.49
C VAL B 133 20.68 -10.45 -11.77
N ALA B 134 21.11 -11.44 -12.56
CA ALA B 134 21.93 -12.52 -12.04
C ALA B 134 23.28 -12.02 -11.54
N GLU B 135 23.92 -11.10 -12.26
CA GLU B 135 25.22 -10.54 -11.82
C GLU B 135 25.08 -9.90 -10.45
N MET B 136 24.02 -9.10 -10.30
CA MET B 136 23.70 -8.46 -9.03
C MET B 136 23.53 -9.46 -7.92
N HIS B 137 22.75 -10.51 -8.18
CA HIS B 137 22.58 -11.53 -7.16
C HIS B 137 23.88 -12.15 -6.71
N ASN B 138 24.77 -12.44 -7.66
CA ASN B 138 26.07 -12.98 -7.35
C ASN B 138 26.91 -12.10 -6.44
N ILE B 139 26.74 -10.81 -6.56
CA ILE B 139 27.60 -9.89 -5.85
C ILE B 139 26.95 -9.25 -4.61
N LEU B 140 25.62 -9.41 -4.51
CA LEU B 140 24.85 -8.69 -3.49
C LEU B 140 25.34 -8.90 -2.06
N LYS B 141 25.47 -10.17 -1.63
CA LYS B 141 25.93 -10.50 -0.26
C LYS B 141 27.26 -9.82 0.10
N LYS B 142 28.23 -9.93 -0.81
CA LYS B 142 29.52 -9.23 -0.68
C LYS B 142 29.39 -7.72 -0.81
N TYR B 143 28.62 -7.28 -1.80
CA TYR B 143 28.32 -5.86 -1.94
C TYR B 143 27.75 -5.35 -0.62
N HIS B 144 26.82 -6.09 -0.02
CA HIS B 144 26.19 -5.69 1.23
C HIS B 144 27.22 -5.62 2.33
N GLN B 145 27.97 -6.71 2.55
CA GLN B 145 29.13 -6.72 3.48
C GLN B 145 30.05 -5.51 3.29
N PHE B 146 30.37 -5.18 2.03
CA PHE B 146 31.22 -4.05 1.74
C PHE B 146 30.64 -2.71 2.16
N ILE B 147 29.34 -2.55 1.93
CA ILE B 147 28.62 -1.30 2.22
C ILE B 147 28.62 -1.00 3.71
N VAL B 148 28.49 -2.05 4.53
CA VAL B 148 28.61 -1.94 5.97
C VAL B 148 30.01 -1.50 6.40
N GLU B 149 31.04 -2.09 5.79
CA GLU B 149 32.41 -1.89 6.26
C GLU B 149 33.00 -0.51 5.99
N CYS B 150 32.44 0.22 5.04
CA CYS B 150 32.91 1.59 4.75
C CYS B 150 31.87 2.60 5.18
N HIS B 151 30.82 2.10 5.82
CA HIS B 151 29.72 2.89 6.36
C HIS B 151 28.98 3.73 5.33
N GLY B 152 28.85 3.21 4.11
CA GLY B 152 28.15 3.89 3.01
C GLY B 152 28.93 4.95 2.23
N ASN B 153 30.26 4.94 2.40
CA ASN B 153 31.18 5.88 1.73
C ASN B 153 31.96 5.28 0.56
N THR B 154 31.39 5.38 -0.63
CA THR B 154 31.95 4.77 -1.83
C THR B 154 31.76 5.61 -3.05
N LEU B 155 32.51 5.25 -4.07
CA LEU B 155 32.33 5.79 -5.40
C LEU B 155 31.58 4.79 -6.23
N LEU B 156 31.42 3.59 -5.68
CA LEU B 156 30.66 2.53 -6.31
C LEU B 156 29.18 2.94 -6.42
N PRO B 157 28.44 2.36 -7.41
CA PRO B 157 27.01 2.62 -7.49
C PRO B 157 26.34 2.29 -6.17
N GLN B 158 25.57 3.25 -5.67
CA GLN B 158 24.77 3.02 -4.51
C GLN B 158 23.44 2.45 -5.01
N PHE B 159 23.32 1.12 -4.92
CA PHE B 159 22.18 0.34 -5.40
C PHE B 159 21.02 0.34 -4.41
N LEU B 160 19.81 0.56 -4.90
CA LEU B 160 18.71 0.94 -4.01
C LEU B 160 17.46 0.08 -4.17
N GLY B 161 17.35 -0.57 -5.33
CA GLY B 161 16.21 -1.37 -5.65
C GLY B 161 16.41 -2.13 -6.93
N MET B 162 15.73 -3.26 -7.04
CA MET B 162 15.85 -4.12 -8.19
C MET B 162 14.52 -4.82 -8.45
N TYR B 163 13.99 -4.58 -9.66
CA TYR B 163 12.61 -4.89 -9.92
C TYR B 163 12.48 -5.67 -11.20
N ARG B 164 11.38 -6.39 -11.33
CA ARG B 164 10.96 -6.91 -12.61
C ARG B 164 9.49 -6.61 -12.84
N LEU B 165 9.19 -5.82 -13.85
CA LEU B 165 7.82 -5.49 -14.22
C LEU B 165 7.45 -6.35 -15.37
N THR B 166 6.19 -6.76 -15.43
CA THR B 166 5.68 -7.33 -16.66
C THR B 166 4.35 -6.68 -17.05
N VAL B 167 4.30 -6.18 -18.27
CA VAL B 167 3.13 -5.53 -18.83
C VAL B 167 3.03 -5.95 -20.29
N ASP B 168 1.77 -6.15 -20.71
CA ASP B 168 1.41 -6.60 -22.07
C ASP B 168 2.30 -7.79 -22.51
N GLY B 169 2.51 -8.72 -21.59
CA GLY B 169 3.29 -9.93 -21.83
C GLY B 169 4.79 -9.76 -21.94
N VAL B 170 5.32 -8.57 -21.60
CA VAL B 170 6.77 -8.29 -21.67
C VAL B 170 7.44 -7.96 -20.31
N GLU B 171 8.48 -8.73 -19.97
CA GLU B 171 9.19 -8.54 -18.69
C GLU B 171 10.34 -7.56 -18.84
N THR B 172 10.33 -6.49 -18.05
CA THR B 172 11.44 -5.53 -17.93
C THR B 172 12.14 -5.70 -16.57
N TYR B 173 13.48 -5.63 -16.58
CA TYR B 173 14.28 -5.54 -15.36
C TYR B 173 14.80 -4.13 -15.27
N MET B 174 14.85 -3.58 -14.05
CA MET B 174 15.29 -2.19 -13.77
C MET B 174 16.05 -2.23 -12.47
N VAL B 175 17.09 -1.42 -12.37
CA VAL B 175 17.89 -1.27 -11.17
C VAL B 175 17.82 0.20 -10.79
N VAL B 176 17.79 0.49 -9.48
CA VAL B 176 17.72 1.88 -9.00
C VAL B 176 18.98 2.26 -8.19
N THR B 177 19.52 3.44 -8.49
CA THR B 177 20.76 3.90 -7.87
C THR B 177 20.70 5.37 -7.54
N ARG B 178 21.56 5.77 -6.61
CA ARG B 178 21.82 7.17 -6.39
C ARG B 178 22.41 7.79 -7.66
N ASN B 179 21.94 8.98 -7.99
CA ASN B 179 22.47 9.78 -9.08
C ASN B 179 23.87 10.22 -8.71
N VAL B 180 24.81 10.02 -9.62
CA VAL B 180 26.19 10.49 -9.44
C VAL B 180 26.22 12.01 -9.54
N PHE B 181 25.27 12.57 -10.29
CA PHE B 181 25.25 14.00 -10.59
C PHE B 181 24.27 14.72 -9.70
N SER B 182 24.48 16.01 -9.49
CA SER B 182 23.61 16.84 -8.65
C SER B 182 22.20 16.93 -9.25
N HIS B 183 21.21 17.07 -8.38
CA HIS B 183 19.83 17.10 -8.86
C HIS B 183 19.35 18.52 -9.20
N ARG B 184 20.28 19.48 -9.17
CA ARG B 184 19.98 20.91 -9.28
C ARG B 184 20.97 21.65 -10.19
N LEU B 185 22.26 21.37 -10.02
CA LEU B 185 23.35 21.96 -10.82
C LEU B 185 23.57 21.23 -12.14
N THR B 186 23.58 21.96 -13.23
CA THR B 186 23.71 21.32 -14.55
C THR B 186 25.15 20.87 -14.84
N VAL B 187 25.27 19.66 -15.37
CA VAL B 187 26.58 19.12 -15.79
C VAL B 187 26.93 19.50 -17.24
N HIS B 188 27.99 20.30 -17.36
CA HIS B 188 28.44 20.85 -18.62
C HIS B 188 29.35 19.92 -19.41
N ARG B 189 30.10 19.10 -18.69
CA ARG B 189 31.17 18.30 -19.27
C ARG B 189 31.15 16.89 -18.68
N LYS B 190 31.13 15.88 -19.55
CA LYS B 190 31.14 14.46 -19.13
C LYS B 190 32.30 13.73 -19.76
N TYR B 191 32.83 12.78 -18.98
CA TYR B 191 33.98 11.96 -19.35
C TYR B 191 33.81 10.62 -18.67
N ASP B 192 34.04 9.54 -19.41
CA ASP B 192 33.94 8.19 -18.93
C ASP B 192 35.30 7.56 -19.15
N LEU B 193 36.16 7.68 -18.14
CA LEU B 193 37.52 7.14 -18.21
C LEU B 193 37.50 5.63 -18.08
N LYS B 194 37.66 4.97 -19.23
CA LYS B 194 37.50 3.53 -19.38
C LYS B 194 38.83 2.74 -19.25
N GLY B 195 39.76 3.24 -18.43
CA GLY B 195 40.95 2.49 -18.00
C GLY B 195 42.28 3.21 -18.14
N SER B 196 43.05 2.81 -19.17
CA SER B 196 44.35 3.41 -19.53
C SER B 196 44.27 4.19 -20.85
N ASP B 218 41.19 13.05 -22.68
CA ASP B 218 40.57 14.33 -22.35
C ASP B 218 41.23 14.95 -21.10
N PHE B 219 42.15 14.18 -20.53
CA PHE B 219 42.90 14.51 -19.30
C PHE B 219 44.38 14.11 -19.43
N LEU B 220 44.66 12.98 -20.09
CA LEU B 220 46.03 12.44 -20.28
C LEU B 220 46.89 13.32 -21.19
N GLY B 223 47.36 17.59 -21.41
CA GLY B 223 47.26 17.66 -19.96
C GLY B 223 46.12 18.58 -19.56
N GLN B 224 45.32 18.13 -18.58
CA GLN B 224 44.22 18.91 -18.01
C GLN B 224 44.01 18.43 -16.56
N LYS B 225 44.63 19.12 -15.62
CA LYS B 225 44.56 18.76 -14.19
C LYS B 225 43.29 19.30 -13.50
N LEU B 226 42.98 18.71 -12.35
CA LEU B 226 41.71 18.91 -11.65
C LEU B 226 42.01 19.25 -10.19
N HIS B 227 41.68 20.47 -9.77
CA HIS B 227 42.18 21.00 -8.50
C HIS B 227 41.11 21.17 -7.41
N VAL B 228 41.27 20.42 -6.33
CA VAL B 228 40.30 20.35 -5.22
C VAL B 228 40.93 20.56 -3.83
N GLY B 229 40.08 20.81 -2.83
CA GLY B 229 40.50 20.90 -1.42
C GLY B 229 41.17 19.64 -0.88
N GLU B 230 42.02 19.80 0.13
CA GLU B 230 42.86 18.71 0.69
C GLU B 230 42.07 17.56 1.30
N GLU B 231 41.07 17.89 2.14
CA GLU B 231 40.19 16.92 2.76
C GLU B 231 39.43 16.15 1.67
N SER B 232 38.80 16.88 0.75
CA SER B 232 38.21 16.34 -0.49
C SER B 232 39.14 15.41 -1.32
N LYS B 233 40.41 15.79 -1.44
CA LYS B 233 41.41 15.02 -2.20
C LYS B 233 41.88 13.73 -1.50
N LYS B 234 42.13 13.79 -0.20
CA LYS B 234 42.50 12.61 0.60
C LYS B 234 41.28 11.69 0.83
N ASN B 235 40.13 12.29 1.13
CA ASN B 235 38.85 11.57 1.19
C ASN B 235 38.48 10.82 -0.11
N PHE B 236 38.67 11.47 -1.27
CA PHE B 236 38.46 10.80 -2.56
C PHE B 236 39.39 9.61 -2.75
N LEU B 237 40.65 9.78 -2.35
CA LEU B 237 41.69 8.78 -2.63
C LEU B 237 41.50 7.50 -1.82
N GLU B 238 41.11 7.64 -0.56
CA GLU B 238 41.00 6.46 0.27
C GLU B 238 39.77 5.67 -0.10
N LYS B 239 38.65 6.38 -0.30
CA LYS B 239 37.44 5.84 -0.95
C LYS B 239 37.80 5.07 -2.23
N LEU B 240 38.48 5.72 -3.16
CA LEU B 240 38.91 5.03 -4.38
C LEU B 240 39.70 3.76 -4.11
N LYS B 241 40.63 3.84 -3.16
CA LYS B 241 41.55 2.73 -2.83
C LYS B 241 40.85 1.44 -2.37
N ARG B 242 39.93 1.57 -1.40
CA ARG B 242 39.13 0.42 -0.95
C ARG B 242 38.16 -0.09 -2.03
N ASP B 243 37.55 0.84 -2.80
CA ASP B 243 36.59 0.49 -3.89
C ASP B 243 37.16 -0.47 -4.96
N VAL B 244 38.35 -0.14 -5.44
CA VAL B 244 39.01 -0.90 -6.50
C VAL B 244 39.51 -2.24 -5.96
N GLU B 245 40.08 -2.21 -4.75
CA GLU B 245 40.42 -3.40 -3.98
C GLU B 245 39.21 -4.36 -3.87
N PHE B 246 38.07 -3.81 -3.47
CA PHE B 246 36.81 -4.57 -3.41
C PHE B 246 36.39 -5.19 -4.74
N LEU B 247 36.48 -4.43 -5.82
CA LEU B 247 36.14 -4.96 -7.15
C LEU B 247 37.12 -6.03 -7.60
N ALA B 248 38.35 -5.95 -7.09
CA ALA B 248 39.40 -6.91 -7.35
C ALA B 248 39.13 -8.22 -6.58
N GLN B 249 38.86 -8.10 -5.28
CA GLN B 249 38.57 -9.27 -4.42
C GLN B 249 37.17 -9.86 -4.73
N LEU B 250 36.64 -9.49 -5.89
CA LEU B 250 35.42 -10.04 -6.46
C LEU B 250 35.64 -10.52 -7.86
N LYS B 251 36.86 -10.31 -8.35
CA LYS B 251 37.28 -10.64 -9.72
C LYS B 251 36.43 -9.90 -10.77
N ILE B 252 36.35 -8.57 -10.61
CA ILE B 252 35.70 -7.69 -11.59
C ILE B 252 36.69 -6.68 -12.21
N MET B 253 36.53 -6.49 -13.53
CA MET B 253 37.25 -5.46 -14.29
C MET B 253 36.31 -4.84 -15.33
N ASP B 254 36.83 -3.87 -16.10
CA ASP B 254 36.15 -3.16 -17.22
C ASP B 254 35.14 -2.07 -16.78
N TYR B 255 35.12 -1.80 -15.48
CA TYR B 255 34.44 -0.65 -14.93
C TYR B 255 35.21 0.62 -15.29
N SER B 256 34.56 1.77 -15.18
CA SER B 256 35.14 3.04 -15.59
C SER B 256 34.87 4.13 -14.56
N LEU B 257 35.49 5.29 -14.77
CA LEU B 257 35.31 6.43 -13.88
C LEU B 257 34.49 7.46 -14.59
N LEU B 258 33.34 7.81 -14.02
CA LEU B 258 32.44 8.77 -14.63
C LEU B 258 32.69 10.11 -14.01
N VAL B 259 33.13 11.07 -14.83
CA VAL B 259 33.48 12.41 -14.34
C VAL B 259 32.54 13.43 -14.97
N GLY B 260 31.79 14.13 -14.12
CA GLY B 260 30.98 15.25 -14.56
C GLY B 260 31.55 16.51 -13.98
N ILE B 261 31.57 17.58 -14.78
CA ILE B 261 31.98 18.89 -14.30
C ILE B 261 30.86 19.88 -14.53
N HIS B 262 30.52 20.57 -13.45
CA HIS B 262 29.62 21.70 -13.47
C HIS B 262 30.47 22.96 -13.36
N ASP B 263 30.19 23.91 -14.24
CA ASP B 263 30.95 25.14 -14.39
C ASP B 263 30.04 26.29 -13.89
N VAL B 264 30.46 26.91 -12.78
CA VAL B 264 29.65 27.84 -11.98
C VAL B 264 29.30 29.09 -12.81
N ASP B 265 30.35 29.75 -13.31
CA ASP B 265 30.24 30.96 -14.10
C ASP B 265 29.34 30.74 -15.32
N ARG B 266 29.60 29.65 -16.06
CA ARG B 266 28.79 29.27 -17.21
C ARG B 266 27.29 29.17 -16.85
N ALA B 267 26.96 28.49 -15.75
CA ALA B 267 25.56 28.38 -15.24
C ALA B 267 24.89 29.72 -14.90
N GLU B 268 25.68 30.65 -14.37
CA GLU B 268 25.22 32.03 -14.11
C GLU B 268 24.91 32.76 -15.41
N GLN B 269 25.76 32.56 -16.42
CA GLN B 269 25.56 33.13 -17.75
C GLN B 269 24.31 32.55 -18.44
N GLU B 270 24.22 31.23 -18.48
CA GLU B 270 23.21 30.53 -19.28
C GLU B 270 21.85 30.38 -18.58
N GLU B 271 21.89 30.30 -17.25
CA GLU B 271 20.69 29.95 -16.48
C GLU B 271 20.28 31.03 -15.47
N MET B 272 20.57 32.28 -15.82
CA MET B 272 20.25 33.45 -14.97
C MET B 272 18.76 33.58 -14.60
N GLU B 273 17.90 33.84 -15.59
CA GLU B 273 16.48 34.14 -15.35
C GLU B 273 15.56 33.02 -15.79
N VAL B 274 16.02 31.78 -15.62
CA VAL B 274 15.35 30.59 -16.17
C VAL B 274 14.29 30.02 -15.20
N GLU B 275 14.68 29.87 -13.92
CA GLU B 275 13.79 29.45 -12.81
C GLU B 275 12.60 30.39 -12.63
N GLU B 276 12.89 31.69 -12.75
CA GLU B 276 11.88 32.75 -12.62
C GLU B 276 10.87 32.75 -13.78
N ARG B 277 11.37 32.53 -15.01
CA ARG B 277 10.56 32.55 -16.25
C ARG B 277 9.78 31.25 -16.48
N ALA B 278 10.21 30.19 -15.80
CA ALA B 278 9.40 28.98 -15.64
C ALA B 278 8.13 29.28 -14.83
N GLU B 279 8.23 30.24 -13.91
CA GLU B 279 7.19 30.58 -12.95
C GLU B 279 6.31 31.78 -13.35
N ASP B 280 5.85 31.82 -14.61
CA ASP B 280 5.15 33.02 -15.10
C ASP B 280 3.88 32.79 -15.95
N GLU B 281 3.24 33.93 -16.30
CA GLU B 281 2.04 34.08 -17.16
C GLU B 281 1.54 32.87 -18.00
N GLU B 282 2.40 32.39 -18.90
CA GLU B 282 2.03 31.32 -19.85
C GLU B 282 2.15 29.90 -19.25
N CYS B 283 2.11 28.88 -20.13
CA CYS B 283 2.16 27.46 -19.73
C CYS B 283 3.54 27.03 -19.25
N GLY B 316 27.92 28.52 -6.26
CA GLY B 316 28.21 27.14 -6.69
C GLY B 316 28.23 26.13 -5.55
N GLU B 317 27.16 26.15 -4.76
CA GLU B 317 27.04 25.31 -3.57
C GLU B 317 26.05 24.15 -3.74
N PHE B 318 26.23 23.12 -2.90
CA PHE B 318 25.48 21.86 -2.90
C PHE B 318 25.44 21.30 -1.47
N ASP B 319 24.44 20.48 -1.17
CA ASP B 319 24.39 19.76 0.11
C ASP B 319 25.21 18.49 -0.03
N PRO B 320 26.29 18.32 0.79
CA PRO B 320 27.13 17.11 0.69
C PRO B 320 26.35 15.86 1.01
N SER B 321 25.30 16.07 1.80
CA SER B 321 24.39 15.02 2.26
C SER B 321 23.57 14.43 1.10
N VAL B 322 23.21 15.27 0.13
CA VAL B 322 22.44 14.87 -1.04
C VAL B 322 23.33 14.48 -2.23
N ASP B 323 24.11 15.43 -2.74
CA ASP B 323 25.06 15.20 -3.83
C ASP B 323 26.35 14.67 -3.23
N VAL B 324 26.38 13.35 -3.04
CA VAL B 324 27.44 12.72 -2.29
C VAL B 324 28.73 12.56 -3.08
N TYR B 325 28.67 12.61 -4.41
CA TYR B 325 29.87 12.42 -5.26
C TYR B 325 30.52 13.76 -5.66
N ALA B 326 29.97 14.86 -5.17
CA ALA B 326 30.45 16.19 -5.52
C ALA B 326 31.77 16.59 -4.81
N MET B 327 32.57 17.44 -5.47
CA MET B 327 33.74 18.12 -4.87
C MET B 327 33.88 19.51 -5.49
N LYS B 328 33.90 20.55 -4.65
CA LYS B 328 34.20 21.92 -5.08
C LYS B 328 35.61 21.96 -5.65
N SER B 329 35.82 22.82 -6.65
CA SER B 329 37.15 23.20 -7.09
C SER B 329 37.88 23.95 -5.97
N HIS B 330 39.19 23.73 -5.87
CA HIS B 330 40.05 24.33 -4.85
C HIS B 330 39.84 25.84 -4.66
N GLU B 331 39.83 26.28 -3.40
CA GLU B 331 39.55 27.68 -3.01
C GLU B 331 40.43 28.76 -3.71
N SER B 332 41.64 28.37 -4.14
CA SER B 332 42.54 29.18 -4.99
C SER B 332 42.90 28.45 -6.29
N SER B 333 41.98 28.54 -7.27
CA SER B 333 41.99 27.73 -8.50
C SER B 333 41.43 28.55 -9.67
N PRO B 334 41.91 28.30 -10.94
CA PRO B 334 41.53 29.07 -12.14
C PRO B 334 40.13 29.70 -12.06
N LYS B 335 39.10 28.88 -12.18
CA LYS B 335 37.69 29.32 -12.13
C LYS B 335 36.81 28.37 -11.31
N LYS B 336 35.66 28.88 -10.86
CA LYS B 336 34.78 28.15 -9.94
C LYS B 336 34.04 27.01 -10.62
N GLU B 337 34.29 25.79 -10.12
CA GLU B 337 33.76 24.54 -10.65
C GLU B 337 33.35 23.49 -9.60
N VAL B 338 32.38 22.66 -9.94
CA VAL B 338 32.01 21.51 -9.10
C VAL B 338 32.22 20.21 -9.88
N TYR B 339 32.87 19.24 -9.24
CA TYR B 339 33.21 17.97 -9.89
C TYR B 339 32.46 16.78 -9.32
N PHE B 340 32.25 15.74 -10.14
CA PHE B 340 31.44 14.60 -9.72
C PHE B 340 32.11 13.35 -10.22
N MET B 341 32.69 12.58 -9.31
CA MET B 341 33.39 11.36 -9.71
C MET B 341 32.84 10.16 -9.00
N ALA B 342 32.64 9.12 -9.79
CA ALA B 342 32.14 7.83 -9.32
C ALA B 342 32.62 6.73 -10.23
N ILE B 343 32.71 5.53 -9.66
CA ILE B 343 32.96 4.32 -10.42
C ILE B 343 31.61 3.82 -10.89
N ILE B 344 31.57 3.50 -12.19
CA ILE B 344 30.34 3.19 -12.89
C ILE B 344 30.59 1.93 -13.71
N ASP B 345 29.50 1.22 -14.07
CA ASP B 345 29.56 0.00 -14.90
C ASP B 345 30.33 -1.16 -14.22
N ILE B 346 29.62 -1.77 -13.28
CA ILE B 346 30.14 -2.74 -12.33
C ILE B 346 29.70 -4.15 -12.74
N LEU B 347 28.76 -4.22 -13.70
CA LEU B 347 28.00 -5.43 -14.05
C LEU B 347 28.36 -6.06 -15.41
N THR B 348 27.47 -5.93 -16.41
CA THR B 348 27.64 -6.41 -17.82
C THR B 348 26.54 -5.77 -18.73
N PRO B 349 26.66 -4.47 -19.09
CA PRO B 349 25.50 -3.72 -19.64
C PRO B 349 25.12 -4.11 -21.07
N THR B 373 44.62 -7.80 -22.82
CA THR B 373 43.92 -8.52 -21.75
C THR B 373 44.80 -8.76 -20.52
N VAL B 374 44.38 -8.18 -19.39
CA VAL B 374 45.07 -8.36 -18.10
C VAL B 374 44.13 -9.03 -17.09
N ASN B 375 44.53 -9.01 -15.83
CA ASN B 375 43.76 -9.55 -14.72
C ASN B 375 43.15 -8.43 -13.85
N PRO B 376 42.03 -8.72 -13.15
CA PRO B 376 41.33 -7.73 -12.30
C PRO B 376 42.16 -7.04 -11.19
N GLU B 377 43.16 -7.74 -10.65
CA GLU B 377 43.96 -7.19 -9.55
C GLU B 377 45.04 -6.27 -10.11
N GLN B 378 45.31 -6.36 -11.42
CA GLN B 378 46.25 -5.46 -12.11
C GLN B 378 45.52 -4.25 -12.70
N TYR B 379 44.36 -4.51 -13.32
CA TYR B 379 43.36 -3.48 -13.70
C TYR B 379 43.01 -2.54 -12.55
N SER B 380 43.02 -3.08 -11.34
CA SER B 380 42.87 -2.34 -10.08
C SER B 380 43.99 -1.32 -9.87
N LYS B 381 45.24 -1.79 -9.99
CA LYS B 381 46.44 -0.96 -9.83
C LYS B 381 46.43 0.12 -10.92
N ARG B 382 46.16 -0.31 -12.17
CA ARG B 382 46.09 0.57 -13.34
C ARG B 382 45.05 1.68 -13.20
N PHE B 383 43.97 1.39 -12.46
CA PHE B 383 42.89 2.35 -12.19
C PHE B 383 43.22 3.39 -11.09
N ASN B 384 43.73 2.91 -9.96
CA ASN B 384 44.15 3.72 -8.80
C ASN B 384 45.31 4.67 -9.20
N GLU B 385 46.21 4.18 -10.05
CA GLU B 385 47.32 4.98 -10.59
C GLU B 385 46.77 6.18 -11.36
N PHE B 386 46.01 5.90 -12.42
CA PHE B 386 45.51 6.91 -13.36
C PHE B 386 44.61 7.93 -12.70
N MET B 387 43.65 7.48 -11.89
CA MET B 387 42.69 8.39 -11.24
C MET B 387 43.30 9.19 -10.08
N SER B 388 44.38 8.68 -9.49
CA SER B 388 45.17 9.47 -8.55
C SER B 388 45.81 10.67 -9.27
N ASN B 389 46.54 10.39 -10.35
CA ASN B 389 47.27 11.38 -11.18
C ASN B 389 46.43 12.56 -11.67
N ILE B 390 45.11 12.34 -11.79
CA ILE B 390 44.15 13.33 -12.32
C ILE B 390 43.78 14.44 -11.32
N LEU B 391 43.96 14.18 -10.02
CA LEU B 391 43.81 15.23 -9.01
C LEU B 391 45.15 15.72 -8.48
N THR B 392 45.27 17.03 -8.33
CA THR B 392 46.39 17.70 -7.63
C THR B 392 45.88 18.64 -6.52
C4 HKP C . 24.76 6.24 -13.67
C5 HKP C . 24.89 5.96 -12.30
C6 HKP C . 24.62 6.99 -11.39
N1 HKP C . 24.21 8.24 -11.84
N3 HKP C . 24.36 7.46 -14.04
CD2 HKP C . 22.22 1.26 -13.11
CAW HKP C . 22.60 -0.23 -12.96
CAX HKP C . 23.56 -0.51 -14.13
CD1 HKP C . 23.59 0.79 -14.95
CG HKP C . 23.47 1.75 -13.78
CB HKP C . 23.44 3.24 -14.20
CA HKP C . 24.89 3.83 -14.07
C HKP C . 25.40 3.71 -12.73
O HKP C . 25.92 2.66 -12.32
NAJ HKP C . 25.33 4.75 -11.88
CAR HKP C . 25.90 4.59 -10.51
C2 HKP C . 24.10 8.46 -13.17
NAK HKP C . 23.68 9.69 -13.55
CAL HKP C . 23.88 10.23 -14.77
CAQ HKP C . 23.08 11.31 -15.15
CAP HKP C . 23.24 11.93 -16.40
CL1 HKP C . 22.20 13.30 -16.77
CAO HKP C . 24.22 11.43 -17.29
OBA HKP C . 24.38 12.00 -18.51
CAN HKP C . 25.04 10.33 -16.93
CL2 HKP C . 26.31 9.61 -17.98
CAM HKP C . 24.86 9.76 -15.67
N HKP C . 25.00 5.26 -14.58
CBC HKP C . 25.33 5.60 -16.03
CBG HKP C . 24.07 5.66 -16.93
CBF HKP C . 24.43 4.87 -18.20
CBE HKP C . 25.45 3.85 -17.75
CBD HKP C . 26.31 4.66 -16.76
#